data_2DPM
#
_entry.id   2DPM
#
_cell.length_a   56.600
_cell.length_b   68.100
_cell.length_c   85.200
_cell.angle_alpha   90.00
_cell.angle_beta   90.00
_cell.angle_gamma   90.00
#
_symmetry.space_group_name_H-M   'P 21 21 21'
#
loop_
_entity.id
_entity.type
_entity.pdbx_description
1 polymer 'PROTEIN (ADENINE-SPECIFIC METHYLTRANSFERASE DPNII 1)'
2 non-polymer 'MERCURY (II) ION'
3 non-polymer S-ADENOSYLMETHIONINE
4 water water
#
_entity_poly.entity_id   1
_entity_poly.type   'polypeptide(L)'
_entity_poly.pdbx_seq_one_letter_code
;MKIKEIKKVTLQPFTKWTGGKRQLLPVIRELIPKTYNRYFEPFVGGGALFFDLAPKDAVINDFNAELINCYQQIKDNPQE
LIEILKVHQEYNSKEYYLDLRSADRDERIDMMSEVQRAARILYMLRVNFNGLYRVNSKNQFNVPYGRYKNPKIVDEELIS
AISVYINNNQLEIKVGDFEKAIVDVRTGDFVYFDPPYIPLSETSAFTSYTHEGFSFADQVRLRDAFKRLSDTGAYVMLSN
SSSALVEELYKDFNIHYVEATRTNGAKSSSRGKISEIIVTNYEK
;
_entity_poly.pdbx_strand_id   A
#
# COMPACT_ATOMS: atom_id res chain seq x y z
N THR A 10 17.08 4.58 -6.48
CA THR A 10 16.56 3.62 -7.48
C THR A 10 15.05 3.51 -7.34
N LEU A 11 14.56 2.33 -6.99
CA LEU A 11 13.13 2.08 -6.84
C LEU A 11 12.51 2.69 -5.58
N GLN A 12 11.25 3.12 -5.71
CA GLN A 12 10.47 3.72 -4.63
C GLN A 12 9.00 3.82 -5.09
N PRO A 13 8.06 4.05 -4.15
CA PRO A 13 6.63 4.16 -4.47
C PRO A 13 6.32 5.10 -5.65
N PHE A 14 5.36 4.69 -6.47
CA PHE A 14 4.97 5.49 -7.62
C PHE A 14 3.90 6.50 -7.26
N THR A 15 3.39 6.40 -6.03
CA THR A 15 2.36 7.31 -5.57
C THR A 15 2.42 7.48 -4.05
N LYS A 16 1.91 8.61 -3.58
CA LYS A 16 1.85 8.91 -2.15
C LYS A 16 0.65 8.09 -1.63
N TRP A 17 0.73 7.59 -0.40
CA TRP A 17 -0.36 6.77 0.15
C TRP A 17 -0.47 6.88 1.68
N THR A 18 -1.70 6.84 2.18
CA THR A 18 -1.92 6.94 3.62
C THR A 18 -1.26 5.76 4.33
N GLY A 19 -0.42 6.08 5.32
CA GLY A 19 0.29 5.07 6.07
C GLY A 19 1.62 4.69 5.42
N GLY A 20 2.00 5.41 4.37
CA GLY A 20 3.25 5.14 3.67
C GLY A 20 4.41 5.04 4.65
N LYS A 21 5.25 4.04 4.46
CA LYS A 21 6.37 3.79 5.37
C LYS A 21 7.76 4.29 5.02
N ARG A 22 7.85 5.22 4.06
CA ARG A 22 9.16 5.76 3.68
C ARG A 22 10.02 6.24 4.87
N GLN A 23 9.46 7.12 5.69
CA GLN A 23 10.18 7.68 6.84
C GLN A 23 10.61 6.65 7.89
N LEU A 24 9.94 5.51 7.90
CA LEU A 24 10.22 4.47 8.89
C LEU A 24 11.24 3.47 8.40
N LEU A 25 11.55 3.50 7.10
CA LEU A 25 12.51 2.56 6.51
C LEU A 25 13.81 2.31 7.31
N PRO A 26 14.46 3.37 7.82
CA PRO A 26 15.69 3.16 8.59
C PRO A 26 15.50 2.20 9.77
N VAL A 27 14.37 2.31 10.45
CA VAL A 27 14.07 1.44 11.58
C VAL A 27 13.75 0.03 11.11
N ILE A 28 12.91 -0.08 10.09
CA ILE A 28 12.55 -1.38 9.54
C ILE A 28 13.76 -2.14 9.01
N ARG A 29 14.63 -1.43 8.29
CA ARG A 29 15.85 -2.03 7.73
C ARG A 29 16.71 -2.67 8.83
N GLU A 30 16.68 -2.05 10.01
CA GLU A 30 17.47 -2.53 11.14
C GLU A 30 16.80 -3.70 11.87
N LEU A 31 15.54 -3.99 11.53
CA LEU A 31 14.81 -5.07 12.18
C LEU A 31 14.44 -6.27 11.30
N ILE A 32 14.60 -6.14 9.99
CA ILE A 32 14.28 -7.26 9.11
C ILE A 32 15.25 -8.41 9.38
N PRO A 33 14.82 -9.67 9.13
CA PRO A 33 15.69 -10.81 9.37
C PRO A 33 16.92 -10.79 8.46
N LYS A 34 18.03 -11.33 8.95
CA LYS A 34 19.29 -11.37 8.20
C LYS A 34 19.23 -12.23 6.95
N THR A 35 18.53 -13.36 7.05
CA THR A 35 18.38 -14.29 5.91
C THR A 35 16.95 -14.80 5.88
N TYR A 36 16.40 -14.92 4.67
CA TYR A 36 15.03 -15.42 4.45
C TYR A 36 14.82 -15.89 3.02
N ASN A 37 13.68 -16.52 2.75
CA ASN A 37 13.37 -17.02 1.42
C ASN A 37 12.53 -16.03 0.61
N ARG A 38 11.25 -16.32 0.40
CA ARG A 38 10.38 -15.41 -0.35
C ARG A 38 9.82 -14.29 0.52
N TYR A 39 9.40 -13.19 -0.12
CA TYR A 39 8.86 -12.03 0.59
C TYR A 39 7.37 -11.83 0.35
N PHE A 40 6.64 -11.47 1.39
CA PHE A 40 5.20 -11.23 1.31
C PHE A 40 4.82 -9.91 1.97
N GLU A 41 3.98 -9.13 1.30
CA GLU A 41 3.48 -7.86 1.87
C GLU A 41 1.98 -7.78 1.56
N PRO A 42 1.13 -8.33 2.44
CA PRO A 42 -0.33 -8.42 2.38
C PRO A 42 -1.20 -7.16 2.41
N PHE A 43 -0.67 -6.04 2.90
CA PHE A 43 -1.41 -4.77 2.91
C PHE A 43 -0.45 -3.82 2.24
N VAL A 44 -0.04 -4.16 1.02
CA VAL A 44 0.96 -3.39 0.28
C VAL A 44 0.90 -1.85 0.24
N GLY A 45 -0.29 -1.28 0.06
CA GLY A 45 -0.40 0.18 -0.02
C GLY A 45 0.54 0.74 -1.08
N GLY A 46 1.36 1.71 -0.69
CA GLY A 46 2.33 2.32 -1.61
C GLY A 46 3.59 1.46 -1.85
N GLY A 47 3.82 0.46 -1.00
CA GLY A 47 4.96 -0.43 -1.19
C GLY A 47 6.37 0.02 -0.85
N ALA A 48 6.51 0.90 0.13
CA ALA A 48 7.82 1.42 0.55
C ALA A 48 8.85 0.31 0.80
N LEU A 49 8.50 -0.67 1.61
CA LEU A 49 9.42 -1.77 1.91
C LEU A 49 9.70 -2.60 0.67
N PHE A 50 8.63 -3.09 0.04
CA PHE A 50 8.71 -3.89 -1.19
C PHE A 50 9.68 -3.30 -2.21
N PHE A 51 9.52 -2.01 -2.50
CA PHE A 51 10.39 -1.35 -3.45
C PHE A 51 11.81 -1.13 -2.93
N ASP A 52 11.95 -1.00 -1.61
CA ASP A 52 13.27 -0.81 -1.01
C ASP A 52 14.04 -2.14 -1.10
N LEU A 53 13.34 -3.25 -0.88
CA LEU A 53 13.97 -4.57 -0.92
C LEU A 53 14.17 -5.08 -2.35
N ALA A 54 13.22 -4.76 -3.22
CA ALA A 54 13.28 -5.21 -4.61
C ALA A 54 13.53 -6.72 -4.66
N PRO A 55 12.63 -7.51 -4.05
CA PRO A 55 12.75 -8.96 -4.00
C PRO A 55 12.68 -9.62 -5.38
N LYS A 56 13.40 -10.72 -5.53
CA LYS A 56 13.39 -11.46 -6.78
C LYS A 56 12.19 -12.40 -6.86
N ASP A 57 11.65 -12.75 -5.70
CA ASP A 57 10.50 -13.64 -5.63
C ASP A 57 9.59 -13.15 -4.50
N ALA A 58 8.46 -12.55 -4.85
CA ALA A 58 7.57 -12.02 -3.81
C ALA A 58 6.09 -12.13 -4.10
N VAL A 59 5.30 -11.76 -3.10
CA VAL A 59 3.84 -11.77 -3.17
C VAL A 59 3.26 -10.51 -2.52
N ILE A 60 2.58 -9.68 -3.32
CA ILE A 60 1.97 -8.43 -2.82
C ILE A 60 0.42 -8.46 -2.97
N ASN A 61 -0.28 -7.80 -2.05
CA ASN A 61 -1.75 -7.78 -2.06
C ASN A 61 -2.31 -6.55 -1.34
N ASP A 62 -3.51 -6.13 -1.73
CA ASP A 62 -4.21 -5.04 -1.04
C ASP A 62 -5.68 -5.23 -1.39
N PHE A 63 -6.55 -4.82 -0.47
CA PHE A 63 -7.99 -4.92 -0.68
C PHE A 63 -8.50 -3.89 -1.69
N ASN A 64 -7.83 -2.74 -1.77
CA ASN A 64 -8.20 -1.66 -2.69
C ASN A 64 -7.89 -2.01 -4.14
N ALA A 65 -8.95 -2.30 -4.89
CA ALA A 65 -8.83 -2.68 -6.30
C ALA A 65 -8.23 -1.63 -7.21
N GLU A 66 -8.55 -0.37 -6.95
CA GLU A 66 -8.00 0.70 -7.78
C GLU A 66 -6.48 0.79 -7.64
N LEU A 67 -5.98 0.61 -6.41
CA LEU A 67 -4.54 0.65 -6.17
C LEU A 67 -3.82 -0.50 -6.88
N ILE A 68 -4.34 -1.72 -6.76
CA ILE A 68 -3.74 -2.87 -7.44
C ILE A 68 -3.74 -2.68 -8.96
N ASN A 69 -4.82 -2.13 -9.51
CA ASN A 69 -4.89 -1.88 -10.94
C ASN A 69 -3.68 -1.03 -11.35
N CYS A 70 -3.29 -0.09 -10.49
CA CYS A 70 -2.16 0.79 -10.76
C CYS A 70 -0.90 -0.11 -10.91
N TYR A 71 -0.69 -1.04 -9.99
CA TYR A 71 0.47 -1.93 -10.08
C TYR A 71 0.46 -2.72 -11.38
N GLN A 72 -0.68 -3.34 -11.67
CA GLN A 72 -0.88 -4.17 -12.86
C GLN A 72 -0.65 -3.45 -14.18
N GLN A 73 -1.06 -2.19 -14.26
CA GLN A 73 -0.90 -1.44 -15.49
C GLN A 73 0.52 -0.91 -15.70
N ILE A 74 1.24 -0.70 -14.59
CA ILE A 74 2.63 -0.25 -14.69
C ILE A 74 3.37 -1.44 -15.29
N LYS A 75 3.03 -2.62 -14.83
CA LYS A 75 3.63 -3.84 -15.35
C LYS A 75 3.30 -4.07 -16.83
N ASP A 76 2.01 -4.05 -17.14
CA ASP A 76 1.53 -4.32 -18.49
C ASP A 76 1.53 -3.25 -19.58
N ASN A 77 1.21 -2.00 -19.24
CA ASN A 77 1.15 -0.95 -20.26
C ASN A 77 1.83 0.34 -19.82
N PRO A 78 3.13 0.27 -19.47
CA PRO A 78 3.84 1.48 -19.04
C PRO A 78 3.82 2.65 -20.03
N GLN A 79 4.07 2.35 -21.31
CA GLN A 79 4.10 3.39 -22.33
C GLN A 79 2.82 4.19 -22.41
N GLU A 80 1.71 3.47 -22.60
CA GLU A 80 0.40 4.10 -22.71
C GLU A 80 0.07 4.90 -21.46
N LEU A 81 0.44 4.37 -20.29
CA LEU A 81 0.19 5.06 -19.04
C LEU A 81 0.89 6.41 -19.04
N ILE A 82 2.15 6.42 -19.42
CA ILE A 82 2.91 7.66 -19.46
C ILE A 82 2.32 8.66 -20.48
N GLU A 83 1.92 8.16 -21.64
CA GLU A 83 1.34 9.03 -22.65
C GLU A 83 0.13 9.79 -22.12
N ILE A 84 -0.79 9.05 -21.51
CA ILE A 84 -2.01 9.63 -20.96
C ILE A 84 -1.70 10.59 -19.83
N LEU A 85 -0.76 10.21 -18.98
CA LEU A 85 -0.40 11.08 -17.88
C LEU A 85 0.13 12.40 -18.42
N LYS A 86 0.92 12.34 -19.50
CA LYS A 86 1.46 13.55 -20.09
C LYS A 86 0.34 14.45 -20.59
N VAL A 87 -0.76 13.86 -21.01
CA VAL A 87 -1.88 14.65 -21.50
C VAL A 87 -2.57 15.37 -20.33
N HIS A 88 -2.80 14.63 -19.24
CA HIS A 88 -3.42 15.22 -18.05
C HIS A 88 -2.53 16.39 -17.58
N GLN A 89 -1.22 16.18 -17.67
CA GLN A 89 -0.25 17.18 -17.26
C GLN A 89 -0.42 18.49 -18.03
N GLU A 90 -0.56 18.40 -19.36
CA GLU A 90 -0.73 19.61 -20.16
C GLU A 90 -2.04 20.35 -19.93
N TYR A 91 -3.14 19.60 -19.83
CA TYR A 91 -4.43 20.24 -19.64
C TYR A 91 -4.83 20.50 -18.19
N ASN A 92 -3.90 20.27 -17.27
CA ASN A 92 -4.15 20.46 -15.84
C ASN A 92 -4.77 21.80 -15.44
N SER A 93 -5.95 21.72 -14.82
CA SER A 93 -6.67 22.89 -14.35
C SER A 93 -7.76 22.38 -13.40
N LYS A 94 -8.29 23.27 -12.58
CA LYS A 94 -9.33 22.90 -11.63
C LYS A 94 -10.52 22.39 -12.39
N GLU A 95 -10.85 23.09 -13.47
CA GLU A 95 -11.99 22.70 -14.30
C GLU A 95 -11.75 21.33 -14.91
N TYR A 96 -10.54 21.14 -15.41
CA TYR A 96 -10.18 19.85 -16.01
C TYR A 96 -10.37 18.77 -14.96
N TYR A 97 -9.73 18.95 -13.81
CA TYR A 97 -9.82 17.98 -12.72
C TYR A 97 -11.27 17.62 -12.40
N LEU A 98 -12.09 18.63 -12.18
CA LEU A 98 -13.48 18.41 -11.82
C LEU A 98 -14.29 17.59 -12.81
N ASP A 99 -14.03 17.78 -14.11
CA ASP A 99 -14.75 17.01 -15.11
C ASP A 99 -14.26 15.56 -15.17
N LEU A 100 -12.96 15.35 -15.03
CA LEU A 100 -12.42 14.00 -15.04
C LEU A 100 -12.87 13.23 -13.80
N ARG A 101 -12.92 13.92 -12.66
CA ARG A 101 -13.36 13.29 -11.41
C ARG A 101 -14.80 12.76 -11.50
N SER A 102 -15.68 13.54 -12.10
CA SER A 102 -17.09 13.16 -12.23
C SER A 102 -17.36 11.97 -13.15
N ALA A 103 -16.33 11.49 -13.85
CA ALA A 103 -16.47 10.34 -14.74
C ALA A 103 -17.03 9.13 -13.99
N ASP A 104 -16.73 9.01 -12.70
CA ASP A 104 -17.25 7.88 -11.92
C ASP A 104 -18.67 8.10 -11.42
N ARG A 105 -19.30 9.18 -11.88
CA ARG A 105 -20.68 9.49 -11.51
C ARG A 105 -21.62 9.35 -12.73
N ASP A 106 -21.06 9.10 -13.91
CA ASP A 106 -21.89 8.97 -15.11
C ASP A 106 -21.58 7.86 -16.10
N GLU A 107 -21.28 6.66 -15.62
CA GLU A 107 -21.01 5.51 -16.50
C GLU A 107 -19.79 5.59 -17.45
N ARG A 108 -19.22 6.77 -17.62
CA ARG A 108 -18.02 6.94 -18.45
C ARG A 108 -16.92 6.02 -17.88
N ILE A 109 -16.84 5.98 -16.55
CA ILE A 109 -15.86 5.17 -15.85
C ILE A 109 -15.92 3.70 -16.30
N ASP A 110 -17.12 3.23 -16.64
CA ASP A 110 -17.30 1.85 -17.07
C ASP A 110 -16.78 1.62 -18.49
N MET A 111 -16.76 2.69 -19.28
CA MET A 111 -16.29 2.61 -20.65
C MET A 111 -14.77 2.79 -20.78
N MET A 112 -14.12 3.21 -19.69
CA MET A 112 -12.67 3.44 -19.71
C MET A 112 -11.85 2.16 -19.56
N SER A 113 -10.69 2.10 -20.23
CA SER A 113 -9.82 0.93 -20.13
C SER A 113 -9.13 0.95 -18.77
N GLU A 114 -8.53 -0.17 -18.38
CA GLU A 114 -7.83 -0.25 -17.10
C GLU A 114 -6.69 0.79 -17.03
N VAL A 115 -5.92 0.91 -18.10
CA VAL A 115 -4.81 1.86 -18.12
C VAL A 115 -5.34 3.29 -18.01
N GLN A 116 -6.47 3.56 -18.66
CA GLN A 116 -7.05 4.90 -18.59
C GLN A 116 -7.48 5.18 -17.16
N ARG A 117 -8.00 4.15 -16.49
CA ARG A 117 -8.43 4.30 -15.11
C ARG A 117 -7.23 4.58 -14.21
N ALA A 118 -6.13 3.89 -14.45
CA ALA A 118 -4.91 4.08 -13.66
C ALA A 118 -4.38 5.52 -13.81
N ALA A 119 -4.36 6.02 -15.04
CA ALA A 119 -3.90 7.38 -15.29
C ALA A 119 -4.79 8.39 -14.56
N ARG A 120 -6.10 8.14 -14.55
CA ARG A 120 -7.04 9.04 -13.90
C ARG A 120 -6.76 9.16 -12.41
N ILE A 121 -6.62 8.03 -11.71
CA ILE A 121 -6.37 8.09 -10.27
C ILE A 121 -4.99 8.67 -9.91
N LEU A 122 -3.96 8.27 -10.65
CA LEU A 122 -2.61 8.78 -10.40
C LEU A 122 -2.54 10.31 -10.54
N TYR A 123 -3.21 10.82 -11.55
CA TYR A 123 -3.27 12.25 -11.82
C TYR A 123 -3.99 12.95 -10.68
N MET A 124 -5.18 12.45 -10.34
CA MET A 124 -5.95 13.07 -9.28
C MET A 124 -5.20 13.16 -7.96
N LEU A 125 -4.49 12.12 -7.58
CA LEU A 125 -3.75 12.13 -6.33
C LEU A 125 -2.62 13.15 -6.31
N ARG A 126 -2.02 13.40 -7.49
CA ARG A 126 -0.93 14.35 -7.61
C ARG A 126 -1.35 15.82 -7.56
N VAL A 127 -2.60 16.09 -7.88
CA VAL A 127 -3.08 17.47 -7.89
C VAL A 127 -4.21 17.81 -6.91
N ASN A 128 -4.73 16.83 -6.19
CA ASN A 128 -5.82 17.12 -5.27
C ASN A 128 -5.33 17.64 -3.92
N PHE A 129 -6.27 17.83 -3.01
CA PHE A 129 -5.96 18.29 -1.68
C PHE A 129 -5.23 17.19 -0.90
N ASN A 130 -4.01 17.50 -0.48
CA ASN A 130 -3.19 16.58 0.31
C ASN A 130 -2.87 15.20 -0.26
N GLY A 131 -3.10 14.98 -1.56
CA GLY A 131 -2.83 13.67 -2.13
C GLY A 131 -3.60 12.56 -1.44
N LEU A 132 -4.80 12.91 -1.00
CA LEU A 132 -5.68 12.00 -0.25
C LEU A 132 -6.57 11.13 -1.16
N TYR A 133 -6.66 9.84 -0.85
CA TYR A 133 -7.54 8.92 -1.60
C TYR A 133 -8.77 8.79 -0.73
N ARG A 134 -9.92 9.17 -1.25
CA ARG A 134 -11.15 9.10 -0.47
C ARG A 134 -12.35 9.06 -1.40
N VAL A 135 -13.33 8.26 -1.04
CA VAL A 135 -14.55 8.11 -1.82
C VAL A 135 -15.77 8.27 -0.91
N ASN A 136 -16.92 8.64 -1.47
CA ASN A 136 -18.14 8.79 -0.68
C ASN A 136 -18.86 7.45 -0.54
N SER A 137 -20.04 7.46 0.06
CA SER A 137 -20.81 6.22 0.27
C SER A 137 -21.20 5.51 -1.01
N LYS A 138 -21.13 6.21 -2.15
CA LYS A 138 -21.48 5.60 -3.42
C LYS A 138 -20.22 5.20 -4.21
N ASN A 139 -19.07 5.23 -3.53
CA ASN A 139 -17.79 4.88 -4.13
C ASN A 139 -17.34 5.84 -5.20
N GLN A 140 -17.68 7.11 -5.03
CA GLN A 140 -17.29 8.14 -5.99
C GLN A 140 -16.21 8.98 -5.31
N PHE A 141 -15.15 9.32 -6.04
CA PHE A 141 -14.04 10.14 -5.50
C PHE A 141 -14.65 11.49 -5.06
N ASN A 142 -14.31 11.91 -3.84
CA ASN A 142 -14.87 13.16 -3.33
C ASN A 142 -13.84 14.12 -2.71
N VAL A 143 -12.64 14.18 -3.27
CA VAL A 143 -11.61 15.08 -2.75
C VAL A 143 -11.52 16.31 -3.65
N PRO A 144 -11.45 17.52 -3.05
CA PRO A 144 -11.36 18.73 -3.85
C PRO A 144 -9.99 18.96 -4.48
N TYR A 145 -9.92 19.92 -5.40
CA TYR A 145 -8.68 20.27 -6.10
C TYR A 145 -7.73 20.99 -5.11
N GLY A 146 -6.43 20.80 -5.32
CA GLY A 146 -5.42 21.40 -4.46
C GLY A 146 -4.87 22.75 -4.88
N ARG A 147 -4.06 23.35 -4.02
CA ARG A 147 -3.47 24.66 -4.27
C ARG A 147 -1.95 24.58 -4.21
N TYR A 148 -1.29 25.37 -5.05
CA TYR A 148 0.17 25.43 -5.09
C TYR A 148 0.87 24.08 -5.18
N LYS A 149 0.37 23.21 -6.05
CA LYS A 149 0.98 21.90 -6.25
C LYS A 149 2.01 21.94 -7.38
N ASN A 150 2.93 20.99 -7.38
CA ASN A 150 3.96 20.94 -8.42
C ASN A 150 3.35 20.67 -9.80
N PRO A 151 3.66 21.52 -10.79
CA PRO A 151 3.12 21.32 -12.14
C PRO A 151 3.68 20.06 -12.79
N LYS A 152 4.84 19.59 -12.30
CA LYS A 152 5.44 18.37 -12.83
C LYS A 152 4.77 17.24 -12.06
N ILE A 153 4.01 16.40 -12.76
CA ILE A 153 3.32 15.31 -12.09
C ILE A 153 3.56 13.94 -12.66
N VAL A 154 4.42 13.85 -13.67
CA VAL A 154 4.72 12.57 -14.30
C VAL A 154 6.18 12.22 -14.05
N ASP A 155 6.46 11.03 -13.56
CA ASP A 155 7.84 10.63 -13.36
C ASP A 155 8.11 9.45 -14.30
N GLU A 156 8.42 9.80 -15.54
CA GLU A 156 8.68 8.89 -16.63
C GLU A 156 9.66 7.74 -16.35
N GLU A 157 10.89 8.09 -16.03
CA GLU A 157 11.91 7.08 -15.76
C GLU A 157 11.51 6.11 -14.65
N LEU A 158 10.92 6.62 -13.56
CA LEU A 158 10.51 5.76 -12.45
C LEU A 158 9.52 4.67 -12.86
N ILE A 159 8.50 5.07 -13.60
CA ILE A 159 7.49 4.12 -14.08
C ILE A 159 8.16 3.07 -14.96
N SER A 160 8.94 3.54 -15.92
CA SER A 160 9.64 2.63 -16.83
C SER A 160 10.50 1.63 -16.06
N ALA A 161 11.20 2.13 -15.04
CA ALA A 161 12.07 1.32 -14.20
C ALA A 161 11.30 0.27 -13.39
N ILE A 162 10.21 0.67 -12.75
CA ILE A 162 9.41 -0.27 -11.97
C ILE A 162 8.90 -1.38 -12.89
N SER A 163 8.49 -0.99 -14.09
CA SER A 163 7.97 -1.93 -15.08
C SER A 163 9.03 -2.97 -15.41
N VAL A 164 10.20 -2.51 -15.81
CA VAL A 164 11.32 -3.39 -16.16
C VAL A 164 11.56 -4.38 -15.02
N TYR A 165 11.69 -3.86 -13.81
CA TYR A 165 11.91 -4.68 -12.64
C TYR A 165 10.85 -5.77 -12.48
N ILE A 166 9.58 -5.37 -12.46
CA ILE A 166 8.52 -6.34 -12.30
C ILE A 166 8.51 -7.43 -13.37
N ASN A 167 8.73 -7.02 -14.62
CA ASN A 167 8.72 -7.96 -15.73
C ASN A 167 9.91 -8.91 -15.79
N ASN A 168 10.97 -8.58 -15.07
CA ASN A 168 12.17 -9.43 -15.08
C ASN A 168 12.30 -10.31 -13.85
N ASN A 169 11.33 -10.25 -12.94
CA ASN A 169 11.37 -11.04 -11.71
C ASN A 169 10.14 -11.90 -11.48
N GLN A 170 10.06 -12.48 -10.29
CA GLN A 170 8.93 -13.33 -9.93
C GLN A 170 8.04 -12.57 -8.93
N LEU A 171 6.85 -12.19 -9.38
CA LEU A 171 5.89 -11.44 -8.56
C LEU A 171 4.45 -11.88 -8.76
N GLU A 172 3.75 -12.08 -7.65
CA GLU A 172 2.36 -12.45 -7.68
C GLU A 172 1.60 -11.25 -7.11
N ILE A 173 0.78 -10.62 -7.95
CA ILE A 173 -0.02 -9.46 -7.53
C ILE A 173 -1.44 -9.92 -7.24
N LYS A 174 -1.91 -9.70 -6.02
CA LYS A 174 -3.25 -10.13 -5.63
C LYS A 174 -4.14 -8.99 -5.14
N VAL A 175 -5.45 -9.20 -5.22
CA VAL A 175 -6.46 -8.23 -4.78
C VAL A 175 -7.45 -8.97 -3.88
N GLY A 176 -7.75 -8.41 -2.72
CA GLY A 176 -8.69 -9.07 -1.83
C GLY A 176 -8.19 -9.05 -0.40
N ASP A 177 -8.81 -9.84 0.47
CA ASP A 177 -8.45 -9.92 1.89
C ASP A 177 -7.06 -10.52 2.15
N PHE A 178 -6.33 -9.92 3.09
CA PHE A 178 -4.96 -10.31 3.45
C PHE A 178 -4.79 -11.80 3.70
N GLU A 179 -5.77 -12.40 4.36
CA GLU A 179 -5.70 -13.81 4.68
C GLU A 179 -5.48 -14.66 3.43
N LYS A 180 -6.18 -14.33 2.35
CA LYS A 180 -6.05 -15.08 1.10
C LYS A 180 -4.66 -14.96 0.49
N ALA A 181 -4.01 -13.83 0.74
CA ALA A 181 -2.71 -13.58 0.16
C ALA A 181 -1.54 -14.27 0.84
N ILE A 182 -1.77 -14.95 1.96
CA ILE A 182 -0.68 -15.62 2.66
C ILE A 182 -0.76 -17.15 2.67
N VAL A 183 -1.64 -17.71 1.86
CA VAL A 183 -1.79 -19.16 1.82
C VAL A 183 -0.53 -19.94 1.46
N ASP A 184 0.29 -19.39 0.57
CA ASP A 184 1.50 -20.08 0.14
C ASP A 184 2.74 -19.85 0.97
N VAL A 185 2.57 -19.42 2.20
CA VAL A 185 3.72 -19.17 3.07
C VAL A 185 4.38 -20.46 3.57
N ARG A 186 5.68 -20.57 3.38
CA ARG A 186 6.45 -21.74 3.82
C ARG A 186 7.54 -21.32 4.81
N THR A 187 8.15 -22.29 5.47
CA THR A 187 9.19 -22.02 6.46
C THR A 187 10.32 -21.18 5.86
N GLY A 188 10.77 -20.19 6.62
CA GLY A 188 11.86 -19.34 6.20
C GLY A 188 11.48 -18.09 5.43
N ASP A 189 10.23 -17.99 5.00
CA ASP A 189 9.76 -16.82 4.27
C ASP A 189 9.62 -15.65 5.26
N PHE A 190 9.55 -14.45 4.71
CA PHE A 190 9.41 -13.24 5.53
C PHE A 190 8.14 -12.50 5.09
N VAL A 191 7.28 -12.18 6.06
CA VAL A 191 6.04 -11.48 5.80
C VAL A 191 5.98 -10.20 6.66
N TYR A 192 5.65 -9.09 6.01
CA TYR A 192 5.53 -7.80 6.70
C TYR A 192 4.08 -7.34 6.63
N PHE A 193 3.46 -7.16 7.79
CA PHE A 193 2.07 -6.72 7.88
C PHE A 193 1.98 -5.25 8.30
N ASP A 194 1.25 -4.43 7.55
CA ASP A 194 1.03 -3.03 7.91
C ASP A 194 -0.45 -2.70 7.74
N PRO A 195 -1.29 -3.20 8.64
CA PRO A 195 -2.72 -2.93 8.53
C PRO A 195 -3.11 -1.55 9.04
N PRO A 196 -4.35 -1.15 8.80
CA PRO A 196 -4.82 0.15 9.27
C PRO A 196 -4.67 0.05 10.81
N TYR A 197 -4.10 1.07 11.43
CA TYR A 197 -3.87 1.05 12.89
C TYR A 197 -5.10 1.14 13.78
N ILE A 198 -4.96 0.59 14.97
CA ILE A 198 -6.02 0.64 15.97
C ILE A 198 -6.02 2.10 16.47
N PRO A 199 -7.19 2.75 16.47
CA PRO A 199 -7.40 4.13 16.92
C PRO A 199 -7.10 4.32 18.40
N LEU A 200 -6.67 5.51 18.78
CA LEU A 200 -6.39 5.80 20.18
C LEU A 200 -7.62 6.45 20.80
N PHE A 206 -11.62 0.33 26.77
CA PHE A 206 -11.98 0.05 25.35
C PHE A 206 -13.01 1.06 24.90
N THR A 207 -12.99 1.40 23.61
CA THR A 207 -13.94 2.34 23.04
C THR A 207 -14.18 1.90 21.60
N SER A 208 -15.45 1.73 21.23
CA SER A 208 -15.82 1.32 19.88
C SER A 208 -15.39 2.42 18.90
N TYR A 209 -15.05 2.05 17.67
CA TYR A 209 -14.60 3.06 16.71
C TYR A 209 -15.05 2.89 15.28
N THR A 210 -15.29 4.03 14.64
CA THR A 210 -15.71 4.07 13.25
C THR A 210 -14.41 3.82 12.47
N HIS A 211 -14.52 3.21 11.29
CA HIS A 211 -13.34 2.91 10.48
C HIS A 211 -13.69 2.87 9.01
N GLU A 212 -12.66 2.70 8.18
CA GLU A 212 -12.86 2.61 6.74
C GLU A 212 -13.26 1.20 6.30
N GLY A 213 -12.80 0.19 7.03
CA GLY A 213 -13.12 -1.19 6.68
C GLY A 213 -12.62 -2.25 7.65
N PHE A 214 -11.35 -2.14 8.06
CA PHE A 214 -10.74 -3.07 8.99
C PHE A 214 -11.30 -2.84 10.39
N SER A 215 -11.80 -3.89 11.02
CA SER A 215 -12.41 -3.81 12.34
C SER A 215 -11.52 -4.45 13.40
N PHE A 216 -11.88 -4.25 14.67
CA PHE A 216 -11.09 -4.85 15.73
C PHE A 216 -11.17 -6.35 15.57
N ALA A 217 -12.34 -6.83 15.17
CA ALA A 217 -12.57 -8.25 14.95
C ALA A 217 -11.53 -8.72 13.94
N ASP A 218 -11.24 -7.86 12.97
CA ASP A 218 -10.25 -8.16 11.95
C ASP A 218 -8.86 -8.15 12.61
N GLN A 219 -8.63 -7.20 13.51
CA GLN A 219 -7.34 -7.11 14.21
C GLN A 219 -7.07 -8.44 14.92
N VAL A 220 -8.13 -9.02 15.48
CA VAL A 220 -8.02 -10.30 16.17
C VAL A 220 -7.63 -11.38 15.16
N ARG A 221 -8.38 -11.43 14.07
CA ARG A 221 -8.15 -12.40 13.01
C ARG A 221 -6.71 -12.29 12.53
N LEU A 222 -6.23 -11.06 12.37
CA LEU A 222 -4.88 -10.83 11.89
C LEU A 222 -3.88 -11.40 12.88
N ARG A 223 -4.10 -11.15 14.15
CA ARG A 223 -3.20 -11.66 15.17
C ARG A 223 -3.17 -13.19 15.09
N ASP A 224 -4.33 -13.81 14.92
CA ASP A 224 -4.41 -15.26 14.83
C ASP A 224 -3.59 -15.76 13.65
N ALA A 225 -3.61 -15.01 12.56
CA ALA A 225 -2.85 -15.39 11.37
C ALA A 225 -1.36 -15.26 11.62
N PHE A 226 -0.98 -14.22 12.36
CA PHE A 226 0.42 -13.95 12.71
C PHE A 226 0.95 -15.19 13.43
N LYS A 227 0.22 -15.61 14.46
CA LYS A 227 0.55 -16.77 15.29
C LYS A 227 0.71 -18.05 14.46
N ARG A 228 -0.24 -18.29 13.57
CA ARG A 228 -0.20 -19.46 12.71
C ARG A 228 1.08 -19.48 11.90
N LEU A 229 1.37 -18.36 11.24
CA LEU A 229 2.57 -18.27 10.43
C LEU A 229 3.83 -18.46 11.25
N SER A 230 3.83 -17.94 12.47
CA SER A 230 4.98 -18.10 13.35
C SER A 230 5.16 -19.58 13.69
N ASP A 231 4.06 -20.26 14.01
CA ASP A 231 4.08 -21.67 14.35
C ASP A 231 4.50 -22.59 13.20
N THR A 232 4.65 -22.01 12.02
CA THR A 232 5.06 -22.77 10.84
C THR A 232 6.54 -22.60 10.52
N GLY A 233 7.15 -21.53 11.04
CA GLY A 233 8.56 -21.27 10.80
C GLY A 233 8.91 -20.10 9.89
N ALA A 234 8.04 -19.10 9.80
CA ALA A 234 8.33 -17.94 8.97
C ALA A 234 8.59 -16.74 9.85
N TYR A 235 9.36 -15.80 9.33
CA TYR A 235 9.65 -14.59 10.09
C TYR A 235 8.51 -13.66 9.76
N VAL A 236 7.94 -13.03 10.79
CA VAL A 236 6.84 -12.10 10.59
C VAL A 236 7.09 -10.76 11.30
N MET A 237 6.69 -9.68 10.65
CA MET A 237 6.85 -8.33 11.19
C MET A 237 5.50 -7.64 11.07
N LEU A 238 5.12 -6.85 12.06
CA LEU A 238 3.84 -6.16 12.02
C LEU A 238 3.87 -4.76 12.63
N SER A 239 3.34 -3.78 11.89
CA SER A 239 3.29 -2.39 12.37
C SER A 239 1.89 -2.09 12.87
N ASN A 240 1.79 -1.29 13.93
CA ASN A 240 0.50 -0.89 14.47
C ASN A 240 0.73 0.27 15.43
N SER A 241 -0.33 0.79 16.03
CA SER A 241 -0.21 1.91 16.97
C SER A 241 0.27 1.45 18.34
N SER A 242 0.60 2.41 19.20
CA SER A 242 1.07 2.10 20.55
C SER A 242 -0.06 1.83 21.55
N SER A 243 -1.21 1.38 21.04
CA SER A 243 -2.37 1.10 21.88
C SER A 243 -2.17 -0.10 22.84
N ALA A 244 -2.84 -0.01 23.98
CA ALA A 244 -2.78 -1.07 25.01
C ALA A 244 -3.33 -2.38 24.44
N LEU A 245 -4.34 -2.26 23.58
CA LEU A 245 -4.95 -3.43 22.94
C LEU A 245 -3.87 -4.14 22.13
N VAL A 246 -3.04 -3.36 21.47
CA VAL A 246 -1.95 -3.88 20.66
C VAL A 246 -0.97 -4.58 21.59
N GLU A 247 -0.74 -3.98 22.75
CA GLU A 247 0.16 -4.55 23.74
C GLU A 247 -0.38 -5.90 24.26
N GLU A 248 -1.67 -5.95 24.53
CA GLU A 248 -2.30 -7.17 25.04
C GLU A 248 -2.31 -8.25 23.94
N LEU A 249 -2.81 -7.86 22.77
CA LEU A 249 -2.91 -8.75 21.62
C LEU A 249 -1.64 -9.57 21.33
N TYR A 250 -0.52 -8.88 21.13
CA TYR A 250 0.72 -9.58 20.80
C TYR A 250 1.61 -9.72 22.03
N LYS A 251 0.99 -9.82 23.19
CA LYS A 251 1.71 -9.94 24.46
C LYS A 251 2.73 -11.08 24.49
N ASP A 252 2.55 -12.08 23.63
CA ASP A 252 3.47 -13.21 23.60
C ASP A 252 4.66 -12.99 22.67
N PHE A 253 4.83 -11.79 22.12
CA PHE A 253 5.93 -11.56 21.18
C PHE A 253 6.91 -10.44 21.50
N ASN A 254 7.90 -10.29 20.62
CA ASN A 254 8.96 -9.29 20.76
C ASN A 254 8.45 -7.91 20.30
N ILE A 255 7.91 -7.15 21.25
CA ILE A 255 7.36 -5.83 20.97
C ILE A 255 8.36 -4.67 21.01
N HIS A 256 8.54 -4.00 19.88
CA HIS A 256 9.45 -2.87 19.79
C HIS A 256 8.69 -1.55 19.87
N TYR A 257 9.27 -0.58 20.55
CA TYR A 257 8.66 0.73 20.73
C TYR A 257 9.49 1.76 19.94
N VAL A 258 8.81 2.64 19.21
CA VAL A 258 9.51 3.65 18.40
C VAL A 258 9.13 5.12 18.69
N GLU A 259 10.13 6.00 18.56
CA GLU A 259 10.03 7.46 18.76
C GLU A 259 10.07 7.91 20.22
N GLY A 272 10.75 7.70 23.40
CA GLY A 272 10.29 8.95 24.05
C GLY A 272 8.78 8.97 24.21
N LYS A 273 8.09 9.69 23.34
CA LYS A 273 6.64 9.80 23.36
C LYS A 273 5.96 8.57 22.77
N ILE A 274 6.77 7.69 22.19
CA ILE A 274 6.32 6.45 21.57
C ILE A 274 5.17 6.64 20.59
N SER A 275 5.55 6.87 19.34
CA SER A 275 4.60 7.08 18.26
C SER A 275 3.94 5.75 17.87
N GLU A 276 4.76 4.74 17.55
CA GLU A 276 4.23 3.45 17.15
C GLU A 276 5.00 2.20 17.57
N ILE A 277 4.45 1.05 17.23
CA ILE A 277 4.99 -0.26 17.58
C ILE A 277 5.25 -1.15 16.39
N ILE A 278 6.25 -2.01 16.52
CA ILE A 278 6.59 -3.01 15.51
C ILE A 278 6.78 -4.35 16.26
N VAL A 279 6.09 -5.38 15.81
CA VAL A 279 6.18 -6.68 16.46
C VAL A 279 6.85 -7.70 15.55
N THR A 280 7.67 -8.56 16.16
CA THR A 280 8.38 -9.61 15.44
C THR A 280 8.27 -10.91 16.22
N ASN A 281 8.41 -12.04 15.52
CA ASN A 281 8.36 -13.33 16.18
C ASN A 281 9.79 -13.85 16.31
N TYR A 282 10.73 -12.93 16.52
CA TYR A 282 12.13 -13.32 16.63
C TYR A 282 13.00 -12.23 17.22
N GLU A 283 14.30 -12.51 17.22
CA GLU A 283 15.34 -11.63 17.71
C GLU A 283 16.47 -12.17 16.85
N LYS A 284 16.88 -11.41 15.83
CA LYS A 284 17.94 -11.86 14.93
C LYS A 284 19.32 -11.48 15.42
#